data_6CY0
#
_entry.id   6CY0
#
_cell.length_a   47.012
_cell.length_b   47.631
_cell.length_c   100.744
_cell.angle_alpha   90.000
_cell.angle_beta   90.000
_cell.angle_gamma   90.000
#
_symmetry.space_group_name_H-M   'P 21 21 21'
#
loop_
_entity.id
_entity.type
_entity.pdbx_description
1 polymer "RNA (5'-R(*(CBV)P*GP*AP*AP*(UFB)P*UP*CP*G)-3')"
2 water water
#
_entity_poly.entity_id   1
_entity_poly.type   'polyribonucleotide'
_entity_poly.pdbx_seq_one_letter_code
;(CBV)GAA(UFB)UCG
;
_entity_poly.pdbx_strand_id   A,B,C,D,E,F,G,H
#